data_1KZ8
#
_entry.id   1KZ8
#
_cell.length_a   59.650
_cell.length_b   165.940
_cell.length_c   79.223
_cell.angle_alpha   90.00
_cell.angle_beta   90.00
_cell.angle_gamma   90.00
#
_symmetry.space_group_name_H-M   'P 21 21 2'
#
loop_
_entity.id
_entity.type
_entity.pdbx_description
1 polymer FRUCTOSE-1,6-BISPHOSPHATASE
2 non-polymer 6-O-phosphono-beta-D-fructofuranose
3 non-polymer 'MANGANESE (II) ION'
4 non-polymer 'ADENOSINE MONOPHOSPHATE'
5 non-polymer {4-[3-(6,7-DIETHOXY-QUINAZOLIN-4-YLAMINO)-PHENYL]-THIAZOL-2-YL}-METHANOL
6 water water
#
_entity_poly.entity_id   1
_entity_poly.type   'polypeptide(L)'
_entity_poly.pdbx_seq_one_letter_code
;TDQAAFDTNIVTLTRFVMEQGRKARGTGEMTQLLNSLCTAVKAISTAVRKAGIAHLYGIAGSTNVTGDQVKKLDVLSNDL
VINVLKSSFATCVLVTEEDKNAIIVEPEKRGKYVVCFDPLDGSSNIDCLVSIGTIFGIYRKNSTDEPSEKDALQPGRNLV
AAGYALYGSATMLVLAMVNGVNCFMLDPAIGEFILVDRNVKIKKKGSIYSINEGYAKEFDPAITEYIQRKKFPPDNSAPY
GARYVGSMVADVHRTLVYGGIFMYPANKKSPKGKLRLLYECNPMAYVMEKAGGLATTGKEAVLDIVPTDIHQRAPIILGS
PEDVTELLEIYQKHAAK
;
_entity_poly.pdbx_strand_id   A,F
#
# COMPACT_ATOMS: atom_id res chain seq x y z
N ASN A 9 -7.00 -23.89 8.28
CA ASN A 9 -6.16 -24.07 9.50
C ASN A 9 -6.89 -24.69 10.68
N ILE A 10 -6.31 -24.52 11.88
CA ILE A 10 -7.09 -24.93 13.02
C ILE A 10 -8.23 -23.92 13.12
N VAL A 11 -7.97 -22.61 13.08
CA VAL A 11 -9.09 -21.70 13.36
C VAL A 11 -9.55 -20.75 12.28
N THR A 12 -10.76 -20.98 11.76
CA THR A 12 -11.34 -20.06 10.78
C THR A 12 -12.07 -18.98 11.55
N LEU A 13 -12.32 -17.85 10.89
CA LEU A 13 -13.07 -16.78 11.52
C LEU A 13 -14.50 -17.25 11.82
N THR A 14 -15.09 -18.00 10.89
CA THR A 14 -16.41 -18.57 11.10
C THR A 14 -16.48 -19.38 12.42
N ARG A 15 -15.51 -20.25 12.66
CA ARG A 15 -15.46 -21.05 13.90
C ARG A 15 -15.20 -20.12 15.10
N PHE A 16 -14.24 -19.22 14.96
CA PHE A 16 -13.94 -18.27 16.02
C PHE A 16 -15.18 -17.52 16.48
N VAL A 17 -15.90 -16.87 15.56
CA VAL A 17 -17.07 -16.10 15.98
C VAL A 17 -18.18 -16.98 16.56
N MET A 18 -18.39 -18.15 15.95
CA MET A 18 -19.42 -19.07 16.46
C MET A 18 -19.07 -19.51 17.90
N GLU A 19 -17.81 -19.81 18.18
CA GLU A 19 -17.39 -20.22 19.54
C GLU A 19 -17.51 -19.03 20.51
N GLN A 20 -17.13 -17.84 20.10
CA GLN A 20 -17.25 -16.63 20.92
C GLN A 20 -18.73 -16.36 21.19
N GLY A 21 -19.60 -16.58 20.21
CA GLY A 21 -21.03 -16.42 20.42
C GLY A 21 -21.58 -17.43 21.45
N ARG A 22 -21.18 -18.69 21.33
CA ARG A 22 -21.63 -19.73 22.27
C ARG A 22 -21.08 -19.48 23.67
N LYS A 23 -19.83 -19.03 23.83
CA LYS A 23 -19.30 -18.68 25.15
C LYS A 23 -20.08 -17.54 25.79
N ALA A 24 -20.48 -16.57 25.00
CA ALA A 24 -21.23 -15.42 25.48
C ALA A 24 -22.71 -15.73 25.68
N ARG A 25 -23.16 -16.92 25.30
CA ARG A 25 -24.57 -17.28 25.34
C ARG A 25 -25.40 -16.28 24.52
N GLY A 26 -24.87 -15.90 23.36
CA GLY A 26 -25.60 -14.97 22.51
C GLY A 26 -26.79 -15.72 21.95
N THR A 27 -27.77 -15.04 21.38
CA THR A 27 -28.87 -15.69 20.72
C THR A 27 -28.51 -16.10 19.29
N GLY A 28 -27.36 -15.66 18.79
CA GLY A 28 -26.98 -15.98 17.41
C GLY A 28 -27.09 -14.74 16.51
N GLU A 29 -27.70 -13.68 17.00
CA GLU A 29 -27.86 -12.46 16.20
C GLU A 29 -26.51 -11.79 15.90
N MET A 30 -25.67 -11.58 16.91
CA MET A 30 -24.37 -10.96 16.66
C MET A 30 -23.48 -11.88 15.81
N THR A 31 -23.53 -13.19 16.04
CA THR A 31 -22.76 -14.15 15.23
C THR A 31 -23.15 -14.05 13.76
N GLN A 32 -24.44 -13.99 13.50
CA GLN A 32 -24.94 -13.84 12.14
C GLN A 32 -24.44 -12.51 11.51
N LEU A 33 -24.48 -11.44 12.28
CA LEU A 33 -24.00 -10.15 11.78
C LEU A 33 -22.52 -10.27 11.38
N LEU A 34 -21.69 -10.86 12.26
CA LEU A 34 -20.28 -10.98 11.95
C LEU A 34 -20.03 -11.90 10.75
N ASN A 35 -20.81 -12.97 10.60
CA ASN A 35 -20.70 -13.87 9.44
C ASN A 35 -21.05 -13.11 8.16
N SER A 36 -22.10 -12.29 8.21
CA SER A 36 -22.51 -11.49 7.07
C SER A 36 -21.45 -10.49 6.66
N LEU A 37 -20.82 -9.87 7.65
CA LEU A 37 -19.76 -8.91 7.36
C LEU A 37 -18.58 -9.62 6.68
N CYS A 38 -18.23 -10.84 7.12
CA CYS A 38 -17.14 -11.57 6.48
C CYS A 38 -17.48 -11.85 5.04
N THR A 39 -18.73 -12.22 4.76
CA THR A 39 -19.15 -12.46 3.38
C THR A 39 -18.97 -11.19 2.55
N ALA A 40 -19.42 -10.06 3.08
CA ALA A 40 -19.26 -8.80 2.35
C ALA A 40 -17.80 -8.53 2.06
N VAL A 41 -16.93 -8.71 3.05
CA VAL A 41 -15.54 -8.45 2.89
C VAL A 41 -14.90 -9.27 1.77
N LYS A 42 -15.26 -10.54 1.67
CA LYS A 42 -14.76 -11.38 0.59
C LYS A 42 -15.27 -10.89 -0.76
N ALA A 43 -16.55 -10.47 -0.88
CA ALA A 43 -17.03 -9.97 -2.15
C ALA A 43 -16.29 -8.66 -2.55
N ILE A 44 -16.04 -7.79 -1.57
CA ILE A 44 -15.28 -6.58 -1.83
C ILE A 44 -13.87 -6.90 -2.26
N SER A 45 -13.18 -7.77 -1.48
CA SER A 45 -11.82 -8.13 -1.78
C SER A 45 -11.71 -8.64 -3.22
N THR A 46 -12.59 -9.54 -3.68
CA THR A 46 -12.49 -10.04 -5.06
C THR A 46 -12.66 -8.91 -6.08
N ALA A 47 -13.56 -7.98 -5.84
CA ALA A 47 -13.74 -6.85 -6.76
C ALA A 47 -12.52 -5.93 -6.77
N VAL A 48 -11.94 -5.70 -5.58
CA VAL A 48 -10.76 -4.86 -5.45
C VAL A 48 -9.54 -5.41 -6.18
N ARG A 49 -9.34 -6.72 -6.14
CA ARG A 49 -8.27 -7.41 -6.82
C ARG A 49 -8.55 -7.55 -8.32
N LYS A 50 -9.71 -7.07 -8.76
CA LYS A 50 -10.07 -7.00 -10.17
C LYS A 50 -10.25 -8.33 -10.87
N ALA A 51 -10.72 -9.34 -10.15
CA ALA A 51 -11.05 -10.61 -10.75
C ALA A 51 -12.28 -10.38 -11.62
N GLY A 52 -12.21 -10.64 -12.92
CA GLY A 52 -13.34 -10.39 -13.79
C GLY A 52 -13.27 -9.07 -14.54
N ILE A 53 -12.17 -8.33 -14.36
CA ILE A 53 -12.03 -7.05 -15.06
C ILE A 53 -12.06 -7.24 -16.58
N ALA A 54 -11.63 -8.39 -17.10
CA ALA A 54 -11.68 -8.62 -18.55
C ALA A 54 -13.10 -8.44 -19.09
N HIS A 55 -14.13 -8.81 -18.31
CA HIS A 55 -15.52 -8.59 -18.75
C HIS A 55 -15.91 -7.12 -18.89
N LEU A 56 -15.18 -6.18 -18.28
CA LEU A 56 -15.46 -4.76 -18.49
C LEU A 56 -14.71 -4.20 -19.70
N TYR A 57 -13.76 -4.95 -20.23
CA TYR A 57 -12.94 -4.47 -21.33
C TYR A 57 -13.21 -5.23 -22.65
N GLY A 58 -14.41 -5.80 -22.77
CA GLY A 58 -14.84 -6.46 -24.00
C GLY A 58 -14.38 -7.87 -24.32
N ILE A 59 -14.01 -8.70 -23.35
CA ILE A 59 -13.57 -10.05 -23.68
C ILE A 59 -14.65 -10.85 -24.41
N ALA A 60 -15.93 -10.68 -24.07
CA ALA A 60 -17.01 -11.40 -24.75
C ALA A 60 -17.79 -10.50 -25.70
N GLY A 61 -17.21 -9.36 -26.09
CA GLY A 61 -17.93 -8.38 -26.89
C GLY A 61 -18.74 -7.44 -26.00
N VAL A 70 -19.37 1.92 -15.34
CA VAL A 70 -20.22 1.16 -14.43
C VAL A 70 -20.06 1.67 -13.00
N LYS A 71 -20.67 0.98 -12.02
CA LYS A 71 -20.55 1.41 -10.63
C LYS A 71 -19.06 1.56 -10.28
N LYS A 72 -18.73 2.63 -9.56
CA LYS A 72 -17.38 2.80 -9.04
C LYS A 72 -17.19 1.78 -7.90
N LEU A 73 -15.95 1.48 -7.60
CA LEU A 73 -15.63 0.45 -6.58
C LEU A 73 -16.18 0.82 -5.20
N ASP A 74 -16.08 2.10 -4.83
CA ASP A 74 -16.57 2.55 -3.54
C ASP A 74 -18.07 2.38 -3.47
N VAL A 75 -18.80 2.73 -4.50
CA VAL A 75 -20.23 2.53 -4.52
C VAL A 75 -20.59 1.03 -4.46
N LEU A 76 -19.89 0.20 -5.21
CA LEU A 76 -20.18 -1.23 -5.20
C LEU A 76 -19.95 -1.82 -3.80
N SER A 77 -18.85 -1.45 -3.18
CA SER A 77 -18.51 -1.89 -1.82
C SER A 77 -19.60 -1.45 -0.82
N ASN A 78 -20.11 -0.22 -0.93
CA ASN A 78 -21.24 0.23 -0.10
C ASN A 78 -22.47 -0.64 -0.31
N ASP A 79 -22.81 -0.92 -1.58
CA ASP A 79 -23.98 -1.77 -1.85
C ASP A 79 -23.79 -3.17 -1.23
N LEU A 80 -22.60 -3.73 -1.32
CA LEU A 80 -22.34 -5.05 -0.75
C LEU A 80 -22.57 -5.01 0.77
N VAL A 81 -21.94 -4.06 1.44
CA VAL A 81 -22.06 -3.98 2.89
C VAL A 81 -23.52 -3.80 3.31
N ILE A 82 -24.18 -2.81 2.72
CA ILE A 82 -25.57 -2.56 3.10
C ILE A 82 -26.44 -3.79 2.87
N ASN A 83 -26.36 -4.35 1.66
CA ASN A 83 -27.21 -5.48 1.32
C ASN A 83 -26.95 -6.67 2.25
N VAL A 84 -25.68 -7.00 2.42
CA VAL A 84 -25.34 -8.16 3.26
C VAL A 84 -25.72 -7.90 4.72
N LEU A 85 -25.54 -6.66 5.21
CA LEU A 85 -25.95 -6.38 6.58
C LEU A 85 -27.46 -6.42 6.75
N LYS A 86 -28.25 -5.87 5.81
CA LYS A 86 -29.70 -5.89 6.03
C LYS A 86 -30.25 -7.32 6.04
N SER A 87 -29.68 -8.19 5.22
CA SER A 87 -30.08 -9.58 5.08
C SER A 87 -29.60 -10.45 6.23
N SER A 88 -28.82 -9.89 7.15
CA SER A 88 -28.36 -10.62 8.31
C SER A 88 -29.53 -10.71 9.31
N PHE A 89 -30.45 -9.74 9.20
CA PHE A 89 -31.59 -9.60 10.12
C PHE A 89 -31.10 -9.21 11.50
N ALA A 90 -29.89 -8.70 11.65
CA ALA A 90 -29.31 -8.37 12.92
C ALA A 90 -29.14 -6.86 13.19
N THR A 91 -29.49 -6.02 12.22
CA THR A 91 -29.26 -4.59 12.36
C THR A 91 -30.52 -3.76 12.26
N CYS A 92 -30.45 -2.53 12.80
CA CYS A 92 -31.61 -1.64 12.74
C CYS A 92 -31.27 -0.28 12.15
N VAL A 93 -30.04 0.15 12.37
CA VAL A 93 -29.56 1.44 11.83
C VAL A 93 -28.17 1.25 11.25
N LEU A 94 -27.95 1.75 10.04
CA LEU A 94 -26.63 1.70 9.42
C LEU A 94 -26.13 3.12 9.09
N VAL A 95 -24.89 3.41 9.46
CA VAL A 95 -24.28 4.67 9.09
C VAL A 95 -23.10 4.36 8.17
N THR A 96 -23.16 4.86 6.96
CA THR A 96 -22.09 4.74 6.01
C THR A 96 -21.50 6.10 5.62
N GLU A 97 -20.20 6.07 5.38
CA GLU A 97 -19.46 7.21 4.89
C GLU A 97 -20.09 7.74 3.61
N GLU A 98 -20.64 6.85 2.79
CA GLU A 98 -21.23 7.21 1.50
C GLU A 98 -22.63 7.80 1.56
N ASP A 99 -23.35 7.67 2.66
CA ASP A 99 -24.73 8.12 2.70
C ASP A 99 -24.90 9.29 3.65
N LYS A 100 -25.55 10.34 3.17
CA LYS A 100 -25.78 11.54 3.96
C LYS A 100 -26.59 11.27 5.24
N ASN A 101 -27.62 10.43 5.19
CA ASN A 101 -28.37 10.13 6.38
C ASN A 101 -28.13 8.69 6.82
N ALA A 102 -28.43 8.42 8.08
CA ALA A 102 -28.39 7.06 8.59
C ALA A 102 -29.44 6.25 7.83
N ILE A 103 -29.16 4.98 7.58
CA ILE A 103 -30.13 4.09 6.93
C ILE A 103 -30.92 3.35 7.99
N ILE A 104 -32.24 3.45 7.97
CA ILE A 104 -33.08 2.77 8.97
C ILE A 104 -33.53 1.49 8.33
N VAL A 105 -33.18 0.37 8.93
CA VAL A 105 -33.51 -0.92 8.31
C VAL A 105 -35.00 -1.19 8.42
N GLU A 106 -35.57 -1.79 7.38
CA GLU A 106 -36.99 -2.14 7.33
C GLU A 106 -37.37 -3.00 8.52
N PRO A 107 -38.56 -2.78 9.05
CA PRO A 107 -39.05 -3.51 10.22
C PRO A 107 -38.91 -5.01 10.11
N GLU A 108 -39.19 -5.58 8.94
CA GLU A 108 -39.06 -7.01 8.72
C GLU A 108 -37.63 -7.54 8.87
N LYS A 109 -36.65 -6.71 8.54
CA LYS A 109 -35.27 -7.13 8.61
C LYS A 109 -34.54 -6.62 9.82
N ARG A 110 -35.28 -6.02 10.75
CA ARG A 110 -34.67 -5.39 11.92
C ARG A 110 -34.11 -6.27 13.03
N GLY A 111 -32.87 -6.00 13.45
CA GLY A 111 -32.28 -6.68 14.61
C GLY A 111 -31.85 -5.59 15.58
N LYS A 112 -31.04 -5.89 16.58
CA LYS A 112 -30.72 -4.88 17.57
C LYS A 112 -29.42 -4.09 17.35
N TYR A 113 -28.66 -4.41 16.31
CA TYR A 113 -27.36 -3.77 16.14
C TYR A 113 -27.33 -2.52 15.25
N VAL A 114 -26.42 -1.62 15.63
CA VAL A 114 -26.19 -0.37 14.91
C VAL A 114 -24.79 -0.50 14.32
N VAL A 115 -24.62 -0.34 13.01
CA VAL A 115 -23.28 -0.49 12.43
C VAL A 115 -22.85 0.79 11.75
N CYS A 116 -21.65 1.28 12.08
CA CYS A 116 -21.08 2.40 11.37
C CYS A 116 -19.93 1.88 10.54
N PHE A 117 -19.83 2.25 9.29
CA PHE A 117 -18.75 1.77 8.45
C PHE A 117 -18.34 2.70 7.33
N ASP A 118 -17.10 2.53 6.88
CA ASP A 118 -16.61 3.13 5.68
C ASP A 118 -16.33 1.90 4.80
N PRO A 119 -17.14 1.69 3.78
CA PRO A 119 -17.05 0.50 2.94
C PRO A 119 -15.73 0.38 2.19
N LEU A 120 -15.13 1.52 1.83
CA LEU A 120 -13.87 1.47 1.10
C LEU A 120 -13.00 2.68 1.42
N ASP A 121 -12.37 2.64 2.59
CA ASP A 121 -11.46 3.65 3.10
C ASP A 121 -10.21 3.72 2.22
N GLY A 122 -9.77 4.94 1.93
CA GLY A 122 -8.60 5.22 1.13
C GLY A 122 -8.90 5.36 -0.35
N SER A 123 -10.17 5.56 -0.69
CA SER A 123 -10.66 5.64 -2.06
C SER A 123 -9.94 6.62 -3.00
N SER A 124 -9.15 7.53 -2.46
CA SER A 124 -8.27 8.39 -3.23
C SER A 124 -6.93 7.71 -3.60
N ASN A 125 -6.72 6.51 -3.09
CA ASN A 125 -5.56 5.69 -3.41
C ASN A 125 -6.03 4.63 -4.41
N ILE A 126 -7.36 4.52 -4.56
CA ILE A 126 -7.94 3.53 -5.48
C ILE A 126 -7.24 3.50 -6.86
N ASP A 127 -7.14 4.65 -7.53
CA ASP A 127 -6.62 4.69 -8.91
C ASP A 127 -5.12 4.45 -9.00
N CYS A 128 -4.39 4.57 -7.90
CA CYS A 128 -2.96 4.29 -7.97
C CYS A 128 -2.65 2.92 -7.35
N LEU A 129 -3.73 2.19 -7.06
CA LEU A 129 -3.65 0.83 -6.53
C LEU A 129 -2.97 0.72 -5.17
N VAL A 130 -3.08 1.75 -4.37
CA VAL A 130 -2.47 1.65 -3.04
C VAL A 130 -3.49 0.93 -2.15
N SER A 131 -3.00 0.35 -1.08
CA SER A 131 -3.83 -0.42 -0.13
C SER A 131 -5.03 0.35 0.27
N ILE A 132 -6.17 -0.29 0.36
CA ILE A 132 -7.42 0.34 0.75
C ILE A 132 -8.13 -0.65 1.67
N GLY A 133 -9.24 -0.31 2.29
CA GLY A 133 -9.86 -1.23 3.22
C GLY A 133 -11.26 -0.83 3.64
N THR A 134 -11.87 -1.64 4.50
CA THR A 134 -13.21 -1.43 5.00
C THR A 134 -13.11 -1.29 6.53
N ILE A 135 -13.75 -0.27 7.11
CA ILE A 135 -13.67 -0.10 8.56
C ILE A 135 -15.06 -0.27 9.14
N PHE A 136 -15.22 -0.92 10.30
CA PHE A 136 -16.58 -1.06 10.84
C PHE A 136 -16.61 -0.89 12.36
N GLY A 137 -17.74 -0.47 12.89
CA GLY A 137 -17.91 -0.36 14.34
C GLY A 137 -19.34 -0.81 14.64
N ILE A 138 -19.55 -1.67 15.65
CA ILE A 138 -20.85 -2.23 15.94
C ILE A 138 -21.28 -1.89 17.36
N TYR A 139 -22.50 -1.36 17.46
CA TYR A 139 -23.13 -1.02 18.76
C TYR A 139 -24.41 -1.76 18.94
N ARG A 140 -24.78 -1.97 20.18
CA ARG A 140 -26.10 -2.54 20.51
C ARG A 140 -27.04 -1.34 20.67
N LYS A 141 -28.22 -1.37 20.06
CA LYS A 141 -29.16 -0.27 20.18
C LYS A 141 -29.38 -0.03 21.68
N ASN A 142 -29.37 1.24 22.03
CA ASN A 142 -29.46 1.82 23.37
C ASN A 142 -30.86 2.02 23.93
N SER A 143 -31.79 2.48 23.11
CA SER A 143 -33.12 2.84 23.57
C SER A 143 -34.21 1.89 23.08
N THR A 144 -35.46 2.12 23.49
CA THR A 144 -36.58 1.29 23.07
C THR A 144 -37.42 1.99 22.01
N ASP A 145 -37.09 3.22 21.68
CA ASP A 145 -37.85 3.96 20.67
C ASP A 145 -37.50 3.56 19.25
N GLU A 146 -38.28 4.02 18.27
CA GLU A 146 -38.03 3.73 16.87
C GLU A 146 -36.56 4.00 16.57
N PRO A 147 -35.92 3.08 15.88
CA PRO A 147 -34.52 3.26 15.50
C PRO A 147 -34.40 4.53 14.68
N SER A 148 -33.39 5.33 14.95
CA SER A 148 -33.18 6.57 14.18
C SER A 148 -31.68 6.84 14.14
N GLU A 149 -31.28 7.98 13.58
CA GLU A 149 -29.86 8.32 13.51
C GLU A 149 -29.24 8.46 14.90
N LYS A 150 -30.01 8.83 15.90
CA LYS A 150 -29.46 9.01 17.24
C LYS A 150 -28.94 7.72 17.83
N ASP A 151 -29.40 6.57 17.37
CA ASP A 151 -28.88 5.28 17.83
C ASP A 151 -27.41 5.09 17.43
N ALA A 152 -26.97 5.78 16.39
CA ALA A 152 -25.59 5.71 15.95
C ALA A 152 -24.73 6.75 16.65
N LEU A 153 -25.32 7.56 17.52
CA LEU A 153 -24.55 8.60 18.19
C LEU A 153 -24.04 8.24 19.59
N GLN A 154 -23.63 7.01 19.82
CA GLN A 154 -23.05 6.61 21.09
C GLN A 154 -21.53 6.82 21.04
N PRO A 155 -20.91 7.15 22.15
CA PRO A 155 -19.47 7.28 22.20
C PRO A 155 -18.83 5.91 21.86
N GLY A 156 -17.63 5.90 21.31
CA GLY A 156 -16.94 4.67 20.95
C GLY A 156 -16.73 3.67 22.08
N ARG A 157 -16.66 4.15 23.32
CA ARG A 157 -16.60 3.34 24.51
C ARG A 157 -17.71 2.32 24.58
N ASN A 158 -18.86 2.52 23.94
CA ASN A 158 -19.95 1.58 23.94
C ASN A 158 -19.84 0.52 22.86
N LEU A 159 -18.82 0.57 22.00
CA LEU A 159 -18.68 -0.45 20.95
C LEU A 159 -18.70 -1.88 21.51
N VAL A 160 -19.42 -2.78 20.85
CA VAL A 160 -19.38 -4.21 21.14
C VAL A 160 -18.32 -4.91 20.27
N ALA A 161 -18.05 -4.34 19.09
CA ALA A 161 -17.02 -4.91 18.23
C ALA A 161 -16.60 -3.87 17.18
N ALA A 162 -15.36 -3.91 16.76
CA ALA A 162 -14.91 -3.04 15.68
C ALA A 162 -13.69 -3.64 15.03
N GLY A 163 -13.35 -3.10 13.87
CA GLY A 163 -12.17 -3.60 13.21
C GLY A 163 -12.15 -3.14 11.78
N TYR A 164 -11.43 -3.88 10.93
CA TYR A 164 -11.28 -3.45 9.57
C TYR A 164 -10.80 -4.63 8.73
N ALA A 165 -11.02 -4.50 7.45
CA ALA A 165 -10.43 -5.46 6.47
C ALA A 165 -9.46 -4.61 5.69
N LEU A 166 -8.22 -5.06 5.52
CA LEU A 166 -7.22 -4.38 4.75
C LEU A 166 -7.02 -5.14 3.45
N TYR A 167 -7.21 -4.44 2.33
CA TYR A 167 -6.99 -5.03 0.98
C TYR A 167 -5.60 -4.56 0.56
N GLY A 168 -4.58 -5.18 1.15
CA GLY A 168 -3.20 -4.85 0.92
C GLY A 168 -2.50 -5.85 0.04
N SER A 169 -1.26 -6.22 0.35
CA SER A 169 -0.58 -7.26 -0.45
C SER A 169 -1.39 -8.56 -0.36
N ALA A 170 -2.00 -8.80 0.80
CA ALA A 170 -2.95 -9.89 1.01
C ALA A 170 -4.11 -9.24 1.76
N THR A 171 -5.26 -9.88 1.87
CA THR A 171 -6.42 -9.32 2.57
C THR A 171 -6.47 -9.89 3.98
N MET A 172 -6.59 -9.01 4.97
CA MET A 172 -6.62 -9.38 6.38
C MET A 172 -7.79 -8.70 7.09
N LEU A 173 -8.50 -9.48 7.91
CA LEU A 173 -9.57 -8.97 8.71
C LEU A 173 -9.08 -8.88 10.17
N VAL A 174 -9.11 -7.67 10.73
CA VAL A 174 -8.66 -7.47 12.11
C VAL A 174 -9.94 -7.22 12.92
N LEU A 175 -10.20 -8.05 13.91
CA LEU A 175 -11.42 -7.95 14.70
C LEU A 175 -11.12 -7.73 16.17
N ALA A 176 -11.65 -6.64 16.74
CA ALA A 176 -11.44 -6.34 18.15
C ALA A 176 -12.74 -6.47 18.87
N MET A 177 -12.77 -7.17 20.00
CA MET A 177 -13.97 -7.27 20.85
C MET A 177 -13.53 -7.06 22.32
N VAL A 178 -14.41 -7.24 23.31
CA VAL A 178 -14.07 -6.93 24.71
C VAL A 178 -12.73 -7.50 25.17
N ASN A 179 -12.48 -8.76 24.89
CA ASN A 179 -11.26 -9.42 25.38
C ASN A 179 -10.00 -9.30 24.53
N GLY A 180 -10.07 -8.58 23.40
CA GLY A 180 -8.85 -8.39 22.66
C GLY A 180 -9.02 -8.37 21.16
N VAL A 181 -7.90 -8.34 20.49
CA VAL A 181 -7.75 -8.19 19.05
C VAL A 181 -7.14 -9.44 18.45
N ASN A 182 -7.74 -9.90 17.34
CA ASN A 182 -7.21 -11.06 16.60
C ASN A 182 -7.15 -10.73 15.11
N CYS A 183 -6.14 -11.25 14.43
CA CYS A 183 -6.00 -11.00 12.98
C CYS A 183 -6.19 -12.24 12.16
N PHE A 184 -7.03 -12.14 11.14
CA PHE A 184 -7.34 -13.29 10.30
C PHE A 184 -7.00 -13.04 8.84
N MET A 185 -6.18 -13.90 8.27
CA MET A 185 -5.77 -13.68 6.88
C MET A 185 -6.79 -14.31 5.97
N LEU A 186 -7.30 -13.58 4.98
CA LEU A 186 -8.17 -14.21 4.00
C LEU A 186 -7.34 -15.16 3.07
N ASP A 187 -7.75 -16.42 3.00
CA ASP A 187 -7.21 -17.40 2.04
C ASP A 187 -8.22 -17.39 0.90
N PRO A 188 -7.94 -16.67 -0.20
CA PRO A 188 -8.89 -16.55 -1.29
C PRO A 188 -9.04 -17.84 -2.06
N ALA A 189 -8.19 -18.85 -1.88
CA ALA A 189 -8.46 -20.13 -2.57
C ALA A 189 -9.72 -20.79 -2.03
N ILE A 190 -10.04 -20.62 -0.74
CA ILE A 190 -11.22 -21.26 -0.15
C ILE A 190 -12.18 -20.29 0.54
N GLY A 191 -11.92 -18.98 0.46
CA GLY A 191 -12.82 -18.03 1.08
C GLY A 191 -13.02 -18.23 2.58
N GLU A 192 -11.91 -18.38 3.30
CA GLU A 192 -11.94 -18.53 4.73
C GLU A 192 -10.94 -17.54 5.28
N PHE A 193 -11.22 -16.91 6.42
CA PHE A 193 -10.23 -16.07 7.04
C PHE A 193 -9.56 -16.95 8.06
N ILE A 194 -8.25 -17.02 8.05
CA ILE A 194 -7.56 -17.91 8.97
C ILE A 194 -6.91 -17.14 10.08
N LEU A 195 -7.08 -17.58 11.33
CA LEU A 195 -6.47 -16.89 12.48
C LEU A 195 -4.99 -17.04 12.41
N VAL A 196 -4.27 -15.92 12.33
CA VAL A 196 -2.82 -15.97 12.20
C VAL A 196 -2.13 -15.17 13.29
N ASP A 197 -2.82 -14.26 13.97
CA ASP A 197 -2.19 -13.47 15.04
C ASP A 197 -3.23 -13.35 16.15
N ARG A 198 -2.94 -13.94 17.30
CA ARG A 198 -3.89 -14.02 18.39
C ARG A 198 -3.65 -13.02 19.51
N ASN A 199 -4.71 -12.42 20.03
CA ASN A 199 -4.59 -11.48 21.16
C ASN A 199 -3.43 -10.52 20.97
N VAL A 200 -3.52 -9.80 19.87
CA VAL A 200 -2.46 -8.93 19.45
C VAL A 200 -2.31 -7.76 20.40
N LYS A 201 -1.09 -7.35 20.69
CA LYS A 201 -0.78 -6.22 21.55
C LYS A 201 0.28 -5.40 20.81
N ILE A 202 0.10 -4.08 20.82
CA ILE A 202 1.08 -3.21 20.14
C ILE A 202 2.31 -3.03 20.98
N LYS A 203 3.45 -2.78 20.35
CA LYS A 203 4.68 -2.53 21.11
C LYS A 203 4.48 -1.30 21.98
N LYS A 204 5.14 -1.25 23.14
CA LYS A 204 5.02 -0.07 24.00
C LYS A 204 5.60 1.20 23.36
N LYS A 205 6.66 1.02 22.59
CA LYS A 205 7.33 2.12 21.92
C LYS A 205 7.70 1.69 20.51
N GLY A 206 7.41 2.52 19.51
CA GLY A 206 7.80 2.19 18.14
C GLY A 206 8.96 3.04 17.68
N SER A 207 9.19 3.07 16.38
CA SER A 207 10.26 3.80 15.79
C SER A 207 9.82 4.36 14.40
N ILE A 208 8.54 4.49 14.20
CA ILE A 208 7.96 5.02 12.97
C ILE A 208 6.91 6.08 13.31
N TYR A 209 6.94 7.23 12.64
CA TYR A 209 5.85 8.19 12.81
C TYR A 209 5.14 8.33 11.47
N SER A 210 3.84 8.50 11.47
CA SER A 210 3.03 8.55 10.24
C SER A 210 2.04 9.73 10.26
N ILE A 211 2.30 10.68 9.36
CA ILE A 211 1.53 11.91 9.26
C ILE A 211 1.78 12.55 7.90
N ASN A 212 0.80 13.24 7.36
CA ASN A 212 0.98 13.96 6.10
C ASN A 212 1.74 15.28 6.42
N GLU A 213 3.03 15.35 6.14
CA GLU A 213 3.78 16.55 6.46
C GLU A 213 3.52 17.72 5.51
N GLY A 214 2.74 17.53 4.46
CA GLY A 214 2.34 18.58 3.56
C GLY A 214 1.51 19.66 4.28
N TYR A 215 0.89 19.35 5.42
CA TYR A 215 0.20 20.34 6.21
C TYR A 215 1.11 21.00 7.27
N ALA A 216 2.43 20.95 7.12
CA ALA A 216 3.35 21.52 8.07
C ALA A 216 3.03 22.97 8.46
N LYS A 217 2.63 23.80 7.50
CA LYS A 217 2.32 25.20 7.73
C LYS A 217 1.06 25.38 8.56
N GLU A 218 0.21 24.36 8.64
CA GLU A 218 -1.05 24.42 9.37
C GLU A 218 -1.08 23.71 10.73
N PHE A 219 -0.01 23.01 11.07
CA PHE A 219 0.04 22.26 12.32
C PHE A 219 0.14 23.15 13.57
N ASP A 220 -0.44 22.65 14.65
CA ASP A 220 -0.32 23.31 15.94
C ASP A 220 1.11 23.15 16.45
N PRO A 221 1.49 23.93 17.45
CA PRO A 221 2.83 23.90 18.00
C PRO A 221 3.28 22.58 18.57
N ALA A 222 2.39 21.82 19.14
CA ALA A 222 2.75 20.55 19.77
C ALA A 222 3.09 19.51 18.72
N ILE A 223 2.27 19.41 17.66
CA ILE A 223 2.60 18.48 16.56
C ILE A 223 3.94 18.92 15.95
N THR A 224 4.13 20.22 15.78
CA THR A 224 5.36 20.74 15.15
C THR A 224 6.59 20.35 15.97
N GLU A 225 6.51 20.56 17.26
CA GLU A 225 7.58 20.16 18.16
C GLU A 225 7.84 18.65 18.13
N TYR A 226 6.78 17.85 18.21
CA TYR A 226 6.88 16.37 18.23
C TYR A 226 7.57 15.84 16.98
N ILE A 227 7.20 16.32 15.81
CA ILE A 227 7.87 15.89 14.55
C ILE A 227 9.34 16.25 14.53
N GLN A 228 9.65 17.43 15.02
CA GLN A 228 11.06 17.88 15.12
C GLN A 228 11.88 16.93 16.02
N ARG A 229 11.27 16.46 17.10
CA ARG A 229 11.91 15.46 17.94
C ARG A 229 12.10 14.12 17.29
N LYS A 230 11.19 13.75 16.40
CA LYS A 230 11.35 12.44 15.75
C LYS A 230 12.51 12.51 14.79
N LYS A 231 12.71 13.69 14.18
CA LYS A 231 13.81 13.86 13.22
C LYS A 231 15.14 14.20 13.89
N PHE A 232 15.08 15.01 14.93
CA PHE A 232 16.30 15.47 15.59
C PHE A 232 16.16 15.16 17.08
N PRO A 233 16.33 13.91 17.50
CA PRO A 233 16.08 13.52 18.87
C PRO A 233 17.02 14.29 19.81
N PRO A 234 16.45 14.96 20.80
CA PRO A 234 17.25 15.72 21.76
C PRO A 234 18.21 14.85 22.56
N ASP A 235 17.94 13.58 22.79
CA ASP A 235 18.87 12.71 23.51
C ASP A 235 19.82 12.00 22.54
N ASN A 236 19.81 12.43 21.29
CA ASN A 236 20.66 11.88 20.23
C ASN A 236 20.43 10.41 19.88
N SER A 237 19.27 9.86 20.17
CA SER A 237 18.89 8.53 19.72
C SER A 237 18.69 8.59 18.21
N ALA A 238 18.48 7.44 17.56
CA ALA A 238 18.25 7.40 16.11
C ALA A 238 16.90 8.04 15.81
N PRO A 239 16.83 8.89 14.79
CA PRO A 239 15.55 9.49 14.40
C PRO A 239 14.56 8.41 14.02
N TYR A 240 13.26 8.64 14.15
CA TYR A 240 12.27 7.64 13.76
C TYR A 240 12.17 7.62 12.23
N GLY A 241 11.81 6.47 11.64
CA GLY A 241 11.58 6.42 10.20
C GLY A 241 10.19 7.05 9.97
N ALA A 242 9.87 7.45 8.75
CA ALA A 242 8.55 8.02 8.45
C ALA A 242 7.87 7.18 7.38
N ARG A 243 6.57 6.94 7.54
CA ARG A 243 5.77 6.19 6.58
C ARG A 243 4.38 6.82 6.54
N TYR A 244 3.84 7.09 5.36
CA TYR A 244 2.47 7.57 5.28
C TYR A 244 1.91 7.12 3.93
N VAL A 245 1.24 5.96 3.95
CA VAL A 245 0.59 5.39 2.77
C VAL A 245 -0.52 6.31 2.28
N GLY A 246 -1.19 6.97 3.19
CA GLY A 246 -2.30 7.87 2.84
C GLY A 246 -3.65 7.15 2.82
N SER A 247 -3.72 5.90 3.31
CA SER A 247 -4.94 5.16 3.48
C SER A 247 -4.93 4.83 4.94
N MET A 248 -5.93 5.29 5.68
CA MET A 248 -5.90 5.10 7.14
C MET A 248 -5.81 3.63 7.55
N VAL A 249 -6.53 2.75 6.87
CA VAL A 249 -6.48 1.34 7.25
C VAL A 249 -5.05 0.82 7.12
N ALA A 250 -4.36 1.19 6.05
CA ALA A 250 -2.99 0.70 5.87
C ALA A 250 -2.04 1.28 6.90
N ASP A 251 -2.09 2.59 7.16
CA ASP A 251 -1.19 3.17 8.13
C ASP A 251 -1.49 2.65 9.57
N VAL A 252 -2.75 2.49 9.88
CA VAL A 252 -3.15 1.97 11.18
C VAL A 252 -2.69 0.52 11.34
N HIS A 253 -2.85 -0.32 10.33
CA HIS A 253 -2.43 -1.72 10.43
C HIS A 253 -0.93 -1.81 10.65
N ARG A 254 -0.12 -1.00 9.94
CA ARG A 254 1.30 -0.99 10.13
C ARG A 254 1.61 -0.58 11.59
N THR A 255 0.92 0.44 12.09
CA THR A 255 1.11 0.93 13.43
C THR A 255 0.84 -0.19 14.43
N LEU A 256 -0.27 -0.89 14.27
CA LEU A 256 -0.60 -2.04 15.11
C LEU A 256 0.48 -3.12 15.14
N VAL A 257 0.90 -3.59 13.98
CA VAL A 257 1.86 -4.69 13.88
C VAL A 257 3.30 -4.32 14.15
N TYR A 258 3.76 -3.13 13.72
CA TYR A 258 5.13 -2.73 13.92
C TYR A 258 5.34 -1.75 15.06
N GLY A 259 4.28 -1.08 15.50
CA GLY A 259 4.37 -0.08 16.54
C GLY A 259 4.64 1.32 15.96
N GLY A 260 4.65 2.31 16.82
CA GLY A 260 4.92 3.68 16.39
C GLY A 260 3.68 4.53 16.52
N ILE A 261 3.57 5.59 15.72
CA ILE A 261 2.43 6.48 15.91
C ILE A 261 1.86 6.98 14.59
N PHE A 262 0.56 7.18 14.60
CA PHE A 262 -0.20 7.61 13.41
C PHE A 262 -0.94 8.88 13.82
N MET A 263 -0.83 9.95 13.04
CA MET A 263 -1.44 11.21 13.39
C MET A 263 -2.25 11.82 12.25
N TYR A 264 -3.45 12.28 12.57
CA TYR A 264 -4.25 13.05 11.64
C TYR A 264 -4.90 14.11 12.54
N PRO A 265 -4.11 15.12 12.90
CA PRO A 265 -4.55 16.17 13.79
C PRO A 265 -5.30 17.23 13.05
N ALA A 266 -5.80 18.20 13.80
CA ALA A 266 -6.47 19.34 13.19
C ALA A 266 -5.49 20.24 12.45
N ASN A 267 -6.02 20.96 11.46
CA ASN A 267 -5.27 22.03 10.79
C ASN A 267 -6.23 23.06 10.13
N LYS A 268 -5.95 23.61 8.95
CA LYS A 268 -6.73 24.69 8.34
C LYS A 268 -8.05 24.27 7.71
N LYS A 269 -8.00 23.21 6.92
CA LYS A 269 -9.10 22.49 6.31
C LYS A 269 -10.14 22.24 7.38
N SER A 270 -9.64 21.83 8.55
CA SER A 270 -10.50 21.60 9.70
C SER A 270 -9.73 21.50 11.00
N PRO A 271 -10.13 22.41 11.89
CA PRO A 271 -9.66 22.44 13.26
C PRO A 271 -10.39 21.37 14.03
N LYS A 272 -11.22 20.60 13.33
CA LYS A 272 -11.83 19.42 13.92
C LYS A 272 -11.17 18.16 13.34
N GLY A 273 -10.10 18.29 12.55
CA GLY A 273 -9.47 17.10 11.95
C GLY A 273 -10.18 16.69 10.67
N LYS A 274 -9.66 15.73 9.92
CA LYS A 274 -10.33 15.33 8.69
C LYS A 274 -11.11 14.03 8.89
N LEU A 275 -10.50 13.12 9.64
CA LEU A 275 -11.10 11.79 9.77
C LEU A 275 -12.42 11.83 10.49
N ARG A 276 -13.33 10.94 10.09
CA ARG A 276 -14.66 10.84 10.65
C ARG A 276 -14.67 10.00 11.94
N LEU A 277 -15.30 10.59 12.95
CA LEU A 277 -15.43 9.99 14.24
C LEU A 277 -16.11 8.63 14.24
N LEU A 278 -17.29 8.53 13.65
CA LEU A 278 -18.06 7.31 13.83
C LEU A 278 -17.51 6.07 13.15
N TYR A 279 -16.98 6.21 11.92
CA TYR A 279 -16.55 5.01 11.16
C TYR A 279 -15.10 5.02 10.69
N GLU A 280 -14.33 5.95 11.24
CA GLU A 280 -12.89 5.94 11.05
C GLU A 280 -12.21 6.01 12.43
N CYS A 281 -12.41 7.11 13.14
CA CYS A 281 -11.73 7.27 14.42
C CYS A 281 -12.17 6.26 15.49
N ASN A 282 -13.43 6.14 15.78
CA ASN A 282 -13.90 5.27 16.87
C ASN A 282 -13.45 3.81 16.65
N PRO A 283 -13.70 3.23 15.50
CA PRO A 283 -13.26 1.84 15.25
C PRO A 283 -11.75 1.66 15.46
N MET A 284 -10.92 2.53 14.92
CA MET A 284 -9.48 2.39 15.07
C MET A 284 -9.02 2.67 16.50
N ALA A 285 -9.70 3.60 17.20
CA ALA A 285 -9.36 3.82 18.60
C ALA A 285 -9.70 2.58 19.44
N TYR A 286 -10.79 1.92 19.12
CA TYR A 286 -11.21 0.72 19.85
C TYR A 286 -10.18 -0.41 19.63
N VAL A 287 -9.85 -0.71 18.37
CA VAL A 287 -8.79 -1.67 18.07
C VAL A 287 -7.52 -1.30 18.83
N MET A 288 -7.10 -0.04 18.79
CA MET A 288 -5.86 0.33 19.47
C MET A 288 -5.90 0.11 21.00
N GLU A 289 -6.96 0.57 21.66
CA GLU A 289 -7.04 0.36 23.11
C GLU A 289 -7.14 -1.13 23.41
N LYS A 290 -7.85 -1.92 22.63
CA LYS A 290 -7.88 -3.37 22.90
C LYS A 290 -6.55 -4.04 22.68
N ALA A 291 -5.64 -3.42 21.91
CA ALA A 291 -4.31 -3.93 21.72
C ALA A 291 -3.29 -3.30 22.66
N GLY A 292 -3.73 -2.52 23.65
CA GLY A 292 -2.78 -1.95 24.56
C GLY A 292 -2.24 -0.65 24.05
N GLY A 293 -2.89 -0.01 23.06
CA GLY A 293 -2.32 1.27 22.64
C GLY A 293 -3.27 2.39 23.10
N LEU A 294 -3.01 3.59 22.60
CA LEU A 294 -3.78 4.77 22.94
C LEU A 294 -4.34 5.45 21.69
N ALA A 295 -5.41 6.21 21.86
CA ALA A 295 -6.02 6.95 20.75
C ALA A 295 -6.69 8.19 21.34
N THR A 296 -6.07 9.33 21.04
CA THR A 296 -6.46 10.61 21.59
C THR A 296 -6.60 11.66 20.51
N THR A 297 -7.35 12.72 20.79
CA THR A 297 -7.46 13.88 19.96
C THR A 297 -6.28 14.82 20.21
N GLY A 298 -5.55 14.54 21.28
CA GLY A 298 -4.47 15.38 21.76
C GLY A 298 -4.93 15.98 23.10
N LYS A 299 -6.24 16.01 23.31
CA LYS A 299 -6.80 16.56 24.54
C LYS A 299 -7.71 15.60 25.31
N GLU A 300 -8.31 14.62 24.64
CA GLU A 300 -9.29 13.71 25.26
C GLU A 300 -9.23 12.36 24.51
N ALA A 301 -9.66 11.29 25.16
CA ALA A 301 -9.69 9.98 24.53
C ALA A 301 -10.75 9.98 23.44
N VAL A 302 -10.41 9.49 22.25
CA VAL A 302 -11.39 9.42 21.14
C VAL A 302 -12.66 8.71 21.52
N LEU A 303 -12.54 7.58 22.19
CA LEU A 303 -13.66 6.74 22.56
C LEU A 303 -14.64 7.41 23.53
N ASP A 304 -14.20 8.44 24.27
CA ASP A 304 -15.16 9.11 25.16
C ASP A 304 -15.80 10.35 24.55
N ILE A 305 -15.48 10.69 23.31
CA ILE A 305 -16.18 11.80 22.67
C ILE A 305 -17.63 11.44 22.52
N VAL A 306 -18.54 12.39 22.82
CA VAL A 306 -19.98 12.18 22.66
C VAL A 306 -20.30 12.77 21.32
N PRO A 307 -20.65 11.94 20.33
CA PRO A 307 -20.89 12.40 18.97
C PRO A 307 -22.18 13.19 18.87
N THR A 308 -22.19 14.22 18.04
CA THR A 308 -23.38 15.05 17.86
C THR A 308 -23.87 15.00 16.42
N ASP A 309 -23.05 14.49 15.49
CA ASP A 309 -23.45 14.38 14.08
C ASP A 309 -22.90 13.06 13.50
N ILE A 310 -23.61 12.32 12.67
CA ILE A 310 -23.09 11.03 12.17
C ILE A 310 -21.84 11.22 11.29
N HIS A 311 -21.66 12.40 10.68
CA HIS A 311 -20.50 12.68 9.85
C HIS A 311 -19.51 13.61 10.53
N GLN A 312 -19.61 13.71 11.85
CA GLN A 312 -18.66 14.54 12.61
C GLN A 312 -17.20 14.07 12.37
N ARG A 313 -16.29 15.02 12.37
CA ARG A 313 -14.87 14.73 12.23
C ARG A 313 -14.19 14.85 13.59
N ALA A 314 -13.00 14.33 13.73
CA ALA A 314 -12.24 14.43 14.98
C ALA A 314 -10.75 14.24 14.69
N PRO A 315 -9.90 14.99 15.38
CA PRO A 315 -8.46 14.82 15.24
C PRO A 315 -8.17 13.46 15.85
N ILE A 316 -7.11 12.77 15.42
CA ILE A 316 -6.82 11.50 16.08
C ILE A 316 -5.32 11.29 16.04
N ILE A 317 -4.78 10.81 17.16
CA ILE A 317 -3.39 10.46 17.33
C ILE A 317 -3.43 9.03 17.93
N LEU A 318 -2.76 8.03 17.36
CA LEU A 318 -2.97 6.66 17.91
C LEU A 318 -1.73 5.82 17.76
N GLY A 319 -1.59 4.75 18.54
CA GLY A 319 -0.41 3.94 18.40
C GLY A 319 0.21 3.54 19.72
N SER A 320 1.51 3.31 19.69
CA SER A 320 2.26 2.82 20.86
C SER A 320 2.10 3.80 22.04
N PRO A 321 1.80 3.26 23.23
CA PRO A 321 1.46 4.11 24.38
C PRO A 321 2.55 5.08 24.77
N GLU A 322 3.80 4.68 24.73
CA GLU A 322 4.88 5.60 25.08
C GLU A 322 4.98 6.74 24.07
N ASP A 323 4.80 6.43 22.80
CA ASP A 323 4.87 7.48 21.78
C ASP A 323 3.70 8.44 21.85
N VAL A 324 2.50 7.92 22.05
CA VAL A 324 1.30 8.76 22.16
C VAL A 324 1.36 9.58 23.46
N THR A 325 1.81 8.97 24.56
CA THR A 325 2.00 9.72 25.81
C THR A 325 3.02 10.85 25.66
N GLU A 326 4.09 10.64 24.91
CA GLU A 326 5.08 11.68 24.70
C GLU A 326 4.44 12.89 24.02
N LEU A 327 3.61 12.65 23.00
CA LEU A 327 2.90 13.71 22.31
C LEU A 327 1.88 14.37 23.25
N LEU A 328 1.16 13.61 24.06
CA LEU A 328 0.25 14.17 25.05
C LEU A 328 0.99 15.10 26.04
N GLU A 329 2.18 14.72 26.47
CA GLU A 329 2.95 15.56 27.38
C GLU A 329 3.28 16.88 26.70
N ILE A 330 3.61 16.85 25.40
CA ILE A 330 3.91 18.06 24.65
C ILE A 330 2.68 18.93 24.58
N TYR A 331 1.50 18.36 24.29
CA TYR A 331 0.27 19.17 24.26
C TYR A 331 0.06 19.81 25.63
N GLN A 332 0.24 19.02 26.69
CA GLN A 332 0.07 19.52 28.06
C GLN A 332 1.07 20.63 28.34
N LYS A 333 2.32 20.43 27.95
CA LYS A 333 3.35 21.44 28.12
C LYS A 333 2.87 22.76 27.53
N HIS A 334 2.38 22.71 26.29
CA HIS A 334 1.90 23.89 25.58
C HIS A 334 0.63 24.49 26.16
N ALA A 335 -0.16 23.74 26.92
CA ALA A 335 -1.40 24.26 27.49
C ALA A 335 -1.16 25.08 28.75
N ASN B 9 -10.28 -8.92 -22.45
CA ASN B 9 -10.56 -7.67 -23.20
C ASN B 9 -10.20 -7.70 -24.67
N ILE B 10 -10.06 -6.50 -25.26
CA ILE B 10 -9.52 -6.53 -26.58
C ILE B 10 -8.04 -6.92 -26.41
N VAL B 11 -7.26 -6.30 -25.51
CA VAL B 11 -5.82 -6.60 -25.57
C VAL B 11 -5.17 -7.24 -24.34
N THR B 12 -4.77 -8.49 -24.49
CA THR B 12 -4.03 -9.14 -23.42
C THR B 12 -2.55 -8.79 -23.58
N LEU B 13 -1.81 -8.89 -22.51
CA LEU B 13 -0.37 -8.67 -22.56
C LEU B 13 0.28 -9.71 -23.47
N THR B 14 -0.22 -10.96 -23.46
CA THR B 14 0.28 -12.01 -24.36
C THR B 14 0.12 -11.57 -25.82
N ARG B 15 -1.05 -11.06 -26.20
CA ARG B 15 -1.25 -10.56 -27.55
C ARG B 15 -0.36 -9.34 -27.84
N PHE B 16 -0.29 -8.40 -26.92
CA PHE B 16 0.51 -7.20 -27.06
C PHE B 16 1.97 -7.58 -27.30
N VAL B 17 2.55 -8.42 -26.45
CA VAL B 17 3.96 -8.75 -26.67
C VAL B 17 4.18 -9.50 -27.98
N MET B 18 3.28 -10.41 -28.33
CA MET B 18 3.40 -11.18 -29.57
C MET B 18 3.35 -10.25 -30.80
N GLU B 19 2.44 -9.28 -30.81
CA GLU B 19 2.33 -8.33 -31.89
C GLU B 19 3.56 -7.41 -31.99
N GLN B 20 4.03 -6.92 -30.85
CA GLN B 20 5.22 -6.11 -30.79
C GLN B 20 6.42 -6.91 -31.30
N GLY B 21 6.53 -8.21 -30.99
CA GLY B 21 7.60 -9.04 -31.48
C GLY B 21 7.53 -9.23 -33.01
N ARG B 22 6.33 -9.48 -33.52
CA ARG B 22 6.11 -9.59 -34.96
C ARG B 22 6.47 -8.30 -35.69
N LYS B 23 6.04 -7.14 -35.16
CA LYS B 23 6.35 -5.87 -35.78
C LYS B 23 7.85 -5.60 -35.81
N ALA B 24 8.55 -6.00 -34.76
CA ALA B 24 9.99 -5.84 -34.71
C ALA B 24 10.75 -6.91 -35.50
N ARG B 25 10.08 -7.91 -36.06
CA ARG B 25 10.72 -9.01 -36.73
C ARG B 25 11.66 -9.77 -35.80
N GLY B 26 11.28 -9.90 -34.53
CA GLY B 26 12.14 -10.60 -33.61
C GLY B 26 12.12 -12.07 -33.99
N THR B 27 13.06 -12.86 -33.49
CA THR B 27 13.04 -14.30 -33.70
C THR B 27 12.05 -15.02 -32.76
N GLY B 28 11.56 -14.32 -31.74
CA GLY B 28 10.65 -14.96 -30.77
C GLY B 28 11.31 -15.10 -29.38
N GLU B 29 12.62 -14.91 -29.32
CA GLU B 29 13.33 -15.04 -28.06
C GLU B 29 12.90 -13.98 -27.04
N MET B 30 12.88 -12.70 -27.38
CA MET B 30 12.41 -11.72 -26.39
C MET B 30 10.92 -11.90 -26.10
N THR B 31 10.11 -12.30 -27.08
CA THR B 31 8.68 -12.57 -26.81
C THR B 31 8.55 -13.65 -25.76
N GLN B 32 9.32 -14.72 -25.92
CA GLN B 32 9.28 -15.82 -24.96
C GLN B 32 9.77 -15.39 -23.57
N LEU B 33 10.81 -14.54 -23.55
CA LEU B 33 11.29 -14.02 -22.26
C LEU B 33 10.14 -13.25 -21.56
N LEU B 34 9.47 -12.36 -22.28
CA LEU B 34 8.39 -11.57 -21.70
C LEU B 34 7.20 -12.43 -21.28
N ASN B 35 6.84 -13.42 -22.07
CA ASN B 35 5.78 -14.36 -21.68
C ASN B 35 6.17 -15.10 -20.39
N SER B 36 7.43 -15.55 -20.27
CA SER B 36 7.88 -16.23 -19.05
C SER B 36 7.85 -15.34 -17.81
N LEU B 37 8.23 -14.08 -17.98
CA LEU B 37 8.14 -13.13 -16.88
C LEU B 37 6.68 -12.95 -16.43
N CYS B 38 5.76 -12.88 -17.37
CA CYS B 38 4.34 -12.75 -17.03
C CYS B 38 3.90 -13.94 -16.19
N THR B 39 4.31 -15.12 -16.58
CA THR B 39 3.96 -16.33 -15.85
C THR B 39 4.49 -16.27 -14.42
N ALA B 40 5.74 -15.83 -14.25
CA ALA B 40 6.34 -15.72 -12.95
C ALA B 40 5.58 -14.70 -12.07
N VAL B 41 5.21 -13.56 -12.61
CA VAL B 41 4.48 -12.53 -11.90
C VAL B 41 3.13 -13.06 -11.43
N LYS B 42 2.38 -13.82 -12.24
CA LYS B 42 1.13 -14.42 -11.76
C LYS B 42 1.38 -15.42 -10.61
N ALA B 43 2.41 -16.27 -10.69
CA ALA B 43 2.70 -17.19 -9.60
C ALA B 43 3.05 -16.43 -8.29
N ILE B 44 3.81 -15.35 -8.42
CA ILE B 44 4.18 -14.51 -7.28
C ILE B 44 2.94 -13.85 -6.69
N SER B 45 2.11 -13.25 -7.53
CA SER B 45 0.91 -12.57 -7.12
C SER B 45 0.01 -13.50 -6.30
N THR B 46 -0.21 -14.72 -6.83
CA THR B 46 -1.04 -15.65 -6.09
C THR B 46 -0.44 -15.99 -4.72
N ALA B 47 0.87 -16.13 -4.61
CA ALA B 47 1.48 -16.42 -3.31
C ALA B 47 1.41 -15.20 -2.36
N VAL B 48 1.57 -14.00 -2.92
CA VAL B 48 1.52 -12.75 -2.15
C VAL B 48 0.17 -12.53 -1.51
N ARG B 49 -0.89 -12.81 -2.24
CA ARG B 49 -2.27 -12.71 -1.82
C ARG B 49 -2.69 -13.87 -0.91
N LYS B 50 -1.77 -14.78 -0.67
CA LYS B 50 -1.95 -15.86 0.30
C LYS B 50 -2.99 -16.90 -0.04
N ALA B 51 -3.25 -17.12 -1.32
CA ALA B 51 -4.11 -18.20 -1.76
C ALA B 51 -3.44 -19.51 -1.33
N GLY B 52 -4.10 -20.33 -0.51
CA GLY B 52 -3.52 -21.59 -0.07
C GLY B 52 -2.85 -21.51 1.31
N ILE B 53 -2.99 -20.36 1.97
CA ILE B 53 -2.34 -20.20 3.28
C ILE B 53 -2.88 -21.18 4.30
N ALA B 54 -4.15 -21.59 4.15
CA ALA B 54 -4.72 -22.56 5.09
C ALA B 54 -3.90 -23.85 5.15
N HIS B 55 -3.25 -24.25 4.06
CA HIS B 55 -2.39 -25.43 4.06
C HIS B 55 -1.12 -25.24 4.88
N LEU B 56 -0.74 -24.01 5.24
CA LEU B 56 0.39 -23.82 6.12
C LEU B 56 -0.03 -23.79 7.59
N TYR B 57 -1.33 -23.73 7.85
CA TYR B 57 -1.85 -23.66 9.21
C TYR B 57 -2.63 -24.90 9.65
N GLY B 58 -2.35 -26.03 9.03
CA GLY B 58 -2.95 -27.30 9.40
C GLY B 58 -4.35 -27.62 8.94
N ILE B 59 -4.87 -27.08 7.84
CA ILE B 59 -6.23 -27.42 7.43
C ILE B 59 -6.38 -28.94 7.23
N ALA B 60 -5.36 -29.60 6.70
CA ALA B 60 -5.38 -31.04 6.50
C ALA B 60 -4.48 -31.82 7.46
N GLY B 61 -4.14 -31.25 8.62
CA GLY B 61 -3.20 -31.89 9.54
C GLY B 61 -1.77 -31.54 9.15
N VAL B 70 8.56 -22.33 6.51
CA VAL B 70 8.98 -22.70 5.15
C VAL B 70 9.64 -21.53 4.44
N LYS B 71 9.82 -21.66 3.11
CA LYS B 71 10.44 -20.59 2.34
C LYS B 71 9.76 -19.26 2.64
N LYS B 72 10.53 -18.21 2.85
CA LYS B 72 9.99 -16.86 2.97
C LYS B 72 9.47 -16.47 1.58
N LEU B 73 8.63 -15.47 1.54
CA LEU B 73 8.01 -15.03 0.31
C LEU B 73 9.05 -14.46 -0.67
N ASP B 74 10.04 -13.73 -0.16
CA ASP B 74 11.04 -13.13 -1.04
C ASP B 74 11.88 -14.22 -1.70
N VAL B 75 12.23 -15.24 -0.92
CA VAL B 75 12.99 -16.36 -1.46
C VAL B 75 12.17 -17.12 -2.51
N LEU B 76 10.90 -17.34 -2.22
CA LEU B 76 10.03 -18.06 -3.17
C LEU B 76 9.94 -17.26 -4.47
N SER B 77 9.74 -15.94 -4.34
CA SER B 77 9.62 -15.08 -5.51
C SER B 77 10.85 -15.16 -6.37
N ASN B 78 12.03 -15.18 -5.73
CA ASN B 78 13.30 -15.29 -6.42
C ASN B 78 13.40 -16.59 -7.18
N ASP B 79 13.06 -17.70 -6.53
CA ASP B 79 13.09 -19.03 -7.18
C ASP B 79 12.14 -19.03 -8.40
N LEU B 80 10.95 -18.44 -8.26
CA LEU B 80 10.02 -18.36 -9.40
C LEU B 80 10.64 -17.63 -10.60
N VAL B 81 11.17 -16.43 -10.32
CA VAL B 81 11.74 -15.66 -11.41
C VAL B 81 12.92 -16.38 -12.07
N ILE B 82 13.85 -16.87 -11.27
CA ILE B 82 15.02 -17.54 -11.82
C ILE B 82 14.59 -18.77 -12.61
N ASN B 83 13.72 -19.61 -12.03
CA ASN B 83 13.34 -20.83 -12.74
C ASN B 83 12.63 -20.52 -14.05
N VAL B 84 11.69 -19.58 -13.97
CA VAL B 84 10.90 -19.27 -15.15
C VAL B 84 11.79 -18.59 -16.20
N LEU B 85 12.74 -17.75 -15.79
CA LEU B 85 13.61 -17.09 -16.80
C LEU B 85 14.57 -18.07 -17.44
N LYS B 86 15.13 -18.98 -16.67
CA LYS B 86 16.06 -19.98 -17.21
C LYS B 86 15.39 -20.89 -18.23
N SER B 87 14.14 -21.24 -17.95
CA SER B 87 13.39 -22.15 -18.78
C SER B 87 12.82 -21.48 -20.02
N SER B 88 13.04 -20.16 -20.15
CA SER B 88 12.57 -19.46 -21.32
C SER B 88 13.54 -19.72 -22.47
N PHE B 89 14.75 -20.11 -22.13
CA PHE B 89 15.84 -20.26 -23.08
C PHE B 89 16.28 -18.92 -23.70
N ALA B 90 15.91 -17.80 -23.10
CA ALA B 90 16.20 -16.50 -23.66
C ALA B 90 17.28 -15.69 -22.95
N THR B 91 17.78 -16.19 -21.83
CA THR B 91 18.74 -15.41 -21.05
C THR B 91 20.09 -16.08 -20.91
N CYS B 92 21.12 -15.28 -20.58
CA CYS B 92 22.46 -15.84 -20.31
C CYS B 92 23.03 -15.42 -18.95
N VAL B 93 22.61 -14.25 -18.45
CA VAL B 93 23.06 -13.73 -17.16
C VAL B 93 21.88 -13.14 -16.39
N LEU B 94 21.70 -13.52 -15.14
CA LEU B 94 20.65 -12.94 -14.32
C LEU B 94 21.31 -12.27 -13.10
N VAL B 95 20.86 -11.06 -12.77
CA VAL B 95 21.27 -10.38 -11.56
C VAL B 95 20.01 -10.21 -10.71
N THR B 96 20.05 -10.79 -9.52
CA THR B 96 19.00 -10.67 -8.55
C THR B 96 19.52 -9.99 -7.29
N GLU B 97 18.65 -9.19 -6.77
CA GLU B 97 18.82 -8.53 -5.51
C GLU B 97 19.18 -9.54 -4.42
N GLU B 98 18.63 -10.74 -4.52
CA GLU B 98 18.85 -11.78 -3.50
C GLU B 98 20.14 -12.55 -3.62
N ASP B 99 20.87 -12.48 -4.73
CA ASP B 99 22.06 -13.31 -4.88
C ASP B 99 23.32 -12.45 -5.01
N LYS B 100 24.35 -12.84 -4.27
CA LYS B 100 25.57 -12.04 -4.20
C LYS B 100 26.30 -11.97 -5.52
N ASN B 101 26.21 -13.02 -6.34
CA ASN B 101 26.87 -13.03 -7.63
C ASN B 101 25.84 -13.13 -8.74
N ALA B 102 26.21 -12.63 -9.91
CA ALA B 102 25.38 -12.79 -11.09
C ALA B 102 25.20 -14.25 -11.35
N ILE B 103 24.02 -14.68 -11.78
CA ILE B 103 23.82 -16.08 -12.11
C ILE B 103 24.13 -16.27 -13.60
N ILE B 104 25.01 -17.20 -13.94
CA ILE B 104 25.36 -17.48 -15.33
C ILE B 104 24.54 -18.66 -15.78
N VAL B 105 23.67 -18.48 -16.78
CA VAL B 105 22.76 -19.54 -17.19
C VAL B 105 23.52 -20.67 -17.87
N GLU B 106 23.14 -21.91 -17.58
CA GLU B 106 23.77 -23.08 -18.22
C GLU B 106 23.72 -22.94 -19.73
N PRO B 107 24.78 -23.40 -20.39
CA PRO B 107 24.91 -23.32 -21.85
C PRO B 107 23.71 -23.84 -22.62
N GLU B 108 23.10 -24.92 -22.16
CA GLU B 108 21.94 -25.49 -22.82
C GLU B 108 20.70 -24.60 -22.79
N LYS B 109 20.59 -23.75 -21.77
CA LYS B 109 19.42 -22.90 -21.64
C LYS B 109 19.72 -21.45 -22.01
N ARG B 110 20.88 -21.23 -22.60
CA ARG B 110 21.33 -19.89 -22.90
C ARG B 110 20.71 -19.16 -24.09
N GLY B 111 20.24 -17.94 -23.85
CA GLY B 111 19.81 -17.06 -24.91
C GLY B 111 20.62 -15.76 -24.85
N LYS B 112 20.17 -14.70 -25.48
CA LYS B 112 20.99 -13.50 -25.51
C LYS B 112 20.69 -12.41 -24.50
N TYR B 113 19.69 -12.60 -23.65
CA TYR B 113 19.27 -11.53 -22.74
C TYR B 113 19.87 -11.58 -21.35
N VAL B 114 20.06 -10.38 -20.81
CA VAL B 114 20.60 -10.21 -19.48
C VAL B 114 19.46 -9.57 -18.67
N VAL B 115 19.06 -10.17 -17.58
CA VAL B 115 17.94 -9.62 -16.83
C VAL B 115 18.40 -9.26 -15.41
N CYS B 116 18.10 -8.03 -14.99
CA CYS B 116 18.36 -7.54 -13.66
C CYS B 116 17.01 -7.40 -12.97
N PHE B 117 16.85 -7.93 -11.74
CA PHE B 117 15.53 -7.84 -11.11
C PHE B 117 15.59 -7.88 -9.59
N ASP B 118 14.57 -7.29 -8.99
CA ASP B 118 14.32 -7.45 -7.57
C ASP B 118 13.00 -8.24 -7.53
N PRO B 119 13.04 -9.49 -7.12
CA PRO B 119 11.87 -10.36 -7.18
C PRO B 119 10.72 -9.93 -6.28
N LEU B 120 11.06 -9.28 -5.17
CA LEU B 120 10.04 -8.81 -4.23
C LEU B 120 10.49 -7.56 -3.49
N ASP B 121 10.47 -6.44 -4.22
CA ASP B 121 10.74 -5.12 -3.73
C ASP B 121 9.76 -4.72 -2.63
N GLY B 122 10.27 -4.09 -1.58
CA GLY B 122 9.47 -3.65 -0.46
C GLY B 122 9.29 -4.69 0.65
N SER B 123 10.12 -5.73 0.63
CA SER B 123 10.15 -6.83 1.61
C SER B 123 10.03 -6.46 3.09
N SER B 124 10.39 -5.25 3.48
CA SER B 124 10.24 -4.67 4.81
C SER B 124 8.82 -4.29 5.17
N ASN B 125 7.98 -4.39 4.16
CA ASN B 125 6.60 -4.02 4.30
C ASN B 125 5.73 -5.29 4.14
N ILE B 126 6.42 -6.38 3.86
CA ILE B 126 5.78 -7.67 3.71
C ILE B 126 4.90 -8.00 4.92
N ASP B 127 5.44 -7.91 6.13
CA ASP B 127 4.71 -8.28 7.35
C ASP B 127 3.61 -7.34 7.76
N CYS B 128 3.62 -6.12 7.24
CA CYS B 128 2.46 -5.28 7.55
C CYS B 128 1.49 -5.21 6.38
N LEU B 129 1.67 -6.09 5.40
CA LEU B 129 0.79 -6.20 4.26
C LEU B 129 0.74 -4.94 3.37
N VAL B 130 1.78 -4.12 3.36
CA VAL B 130 1.67 -2.97 2.45
C VAL B 130 2.15 -3.48 1.04
N SER B 131 1.81 -2.74 0.00
CA SER B 131 2.07 -3.07 -1.39
C SER B 131 3.53 -3.33 -1.58
N ILE B 132 3.83 -4.35 -2.35
CA ILE B 132 5.16 -4.82 -2.68
C ILE B 132 5.15 -5.14 -4.18
N GLY B 133 6.31 -5.39 -4.77
CA GLY B 133 6.31 -5.61 -6.23
C GLY B 133 7.54 -6.29 -6.75
N THR B 134 7.61 -6.51 -8.05
CA THR B 134 8.76 -7.12 -8.70
C THR B 134 9.26 -6.09 -9.69
N ILE B 135 10.57 -5.81 -9.73
CA ILE B 135 11.09 -4.82 -10.66
C ILE B 135 12.03 -5.52 -11.64
N PHE B 136 12.03 -5.21 -12.93
CA PHE B 136 12.90 -5.95 -13.86
C PHE B 136 13.48 -5.01 -14.90
N GLY B 137 14.65 -5.34 -15.41
CA GLY B 137 15.30 -4.56 -16.45
C GLY B 137 15.91 -5.58 -17.41
N ILE B 138 15.76 -5.43 -18.71
CA ILE B 138 16.24 -6.39 -19.69
C ILE B 138 17.22 -5.71 -20.70
N TYR B 139 18.39 -6.33 -20.86
CA TYR B 139 19.43 -5.90 -21.79
C TYR B 139 19.75 -7.03 -22.76
N ARG B 140 20.20 -6.64 -23.94
CA ARG B 140 20.77 -7.57 -24.90
C ARG B 140 22.27 -7.76 -24.58
N LYS B 141 22.78 -9.00 -24.58
CA LYS B 141 24.19 -9.22 -24.34
C LYS B 141 24.96 -8.38 -25.37
N ASN B 142 25.96 -7.68 -24.88
CA ASN B 142 26.83 -6.74 -25.53
C ASN B 142 28.03 -7.33 -26.27
N SER B 143 28.67 -8.34 -25.67
CA SER B 143 29.90 -8.91 -26.21
C SER B 143 29.75 -10.32 -26.76
N THR B 144 30.84 -10.85 -27.33
CA THR B 144 30.85 -12.20 -27.88
C THR B 144 31.52 -13.20 -26.94
N ASP B 145 32.11 -12.73 -25.85
CA ASP B 145 32.78 -13.63 -24.91
C ASP B 145 31.82 -14.34 -23.96
N GLU B 146 32.33 -15.31 -23.22
CA GLU B 146 31.52 -16.07 -22.29
C GLU B 146 30.74 -15.08 -21.42
N PRO B 147 29.44 -15.34 -21.29
CA PRO B 147 28.60 -14.49 -20.45
C PRO B 147 29.18 -14.45 -19.05
N SER B 148 29.20 -13.27 -18.44
CA SER B 148 29.70 -13.13 -17.08
C SER B 148 29.02 -11.92 -16.46
N GLU B 149 29.33 -11.58 -15.22
CA GLU B 149 28.76 -10.41 -14.56
C GLU B 149 28.88 -9.13 -15.38
N LYS B 150 29.98 -8.97 -16.09
CA LYS B 150 30.20 -7.76 -16.86
C LYS B 150 29.12 -7.45 -17.88
N ASP B 151 28.42 -8.48 -18.35
CA ASP B 151 27.30 -8.27 -19.28
C ASP B 151 26.13 -7.56 -18.62
N ALA B 152 26.03 -7.59 -17.30
CA ALA B 152 24.96 -6.87 -16.59
C ALA B 152 25.39 -5.45 -16.21
N LEU B 153 26.63 -5.07 -16.49
CA LEU B 153 27.15 -3.75 -16.15
C LEU B 153 26.98 -2.70 -17.26
N GLN B 154 25.83 -2.67 -17.92
CA GLN B 154 25.54 -1.70 -18.96
C GLN B 154 24.79 -0.53 -18.32
N PRO B 155 24.90 0.65 -18.88
CA PRO B 155 24.18 1.79 -18.36
C PRO B 155 22.70 1.52 -18.70
N GLY B 156 21.78 2.02 -17.89
CA GLY B 156 20.34 1.85 -18.12
C GLY B 156 19.86 2.32 -19.46
N ARG B 157 20.53 3.30 -20.06
CA ARG B 157 20.25 3.74 -21.41
C ARG B 157 20.25 2.58 -22.43
N ASN B 158 20.96 1.48 -22.19
CA ASN B 158 20.96 0.34 -23.09
C ASN B 158 19.79 -0.63 -22.87
N LEU B 159 18.93 -0.37 -21.90
CA LEU B 159 17.78 -1.27 -21.66
C LEU B 159 16.95 -1.42 -22.92
N VAL B 160 16.49 -2.64 -23.19
CA VAL B 160 15.56 -2.94 -24.26
C VAL B 160 14.12 -2.99 -23.71
N ALA B 161 13.96 -3.32 -22.43
CA ALA B 161 12.66 -3.36 -21.78
C ALA B 161 12.82 -3.25 -20.28
N ALA B 162 11.90 -2.58 -19.57
CA ALA B 162 11.92 -2.59 -18.13
C ALA B 162 10.52 -2.35 -17.64
N GLY B 163 10.34 -2.58 -16.36
CA GLY B 163 9.06 -2.27 -15.73
C GLY B 163 8.95 -2.96 -14.40
N TYR B 164 7.72 -3.15 -13.96
CA TYR B 164 7.50 -3.74 -12.66
C TYR B 164 6.09 -4.33 -12.64
N ALA B 165 5.91 -5.19 -11.65
CA ALA B 165 4.59 -5.73 -11.29
C ALA B 165 4.33 -5.22 -9.89
N LEU B 166 3.24 -4.50 -9.65
CA LEU B 166 2.85 -4.05 -8.33
C LEU B 166 1.74 -4.95 -7.77
N TYR B 167 1.97 -5.51 -6.59
CA TYR B 167 0.98 -6.34 -5.87
C TYR B 167 0.36 -5.40 -4.86
N GLY B 168 -0.55 -4.56 -5.34
CA GLY B 168 -1.21 -3.58 -4.50
C GLY B 168 -2.66 -3.97 -4.25
N SER B 169 -3.59 -3.02 -4.27
CA SER B 169 -5.00 -3.37 -4.08
C SER B 169 -5.38 -4.37 -5.20
N ALA B 170 -4.81 -4.19 -6.39
CA ALA B 170 -4.91 -5.14 -7.50
C ALA B 170 -3.49 -5.30 -8.03
N THR B 171 -3.21 -6.32 -8.85
CA THR B 171 -1.88 -6.54 -9.39
C THR B 171 -1.83 -5.94 -10.78
N MET B 172 -0.87 -5.09 -11.01
CA MET B 172 -0.66 -4.45 -12.31
C MET B 172 0.76 -4.64 -12.82
N LEU B 173 0.93 -4.97 -14.09
CA LEU B 173 2.22 -5.07 -14.72
C LEU B 173 2.41 -3.82 -15.64
N VAL B 174 3.48 -3.06 -15.34
CA VAL B 174 3.78 -1.84 -16.13
C VAL B 174 4.99 -2.17 -16.96
N LEU B 175 4.86 -2.06 -18.27
CA LEU B 175 5.94 -2.43 -19.18
C LEU B 175 6.35 -1.23 -20.04
N ALA B 176 7.64 -0.91 -19.99
CA ALA B 176 8.19 0.19 -20.81
C ALA B 176 9.12 -0.41 -21.84
N MET B 177 8.99 0.03 -23.10
CA MET B 177 9.88 -0.38 -24.17
C MET B 177 10.22 0.86 -25.01
N VAL B 178 10.97 0.74 -26.10
CA VAL B 178 11.38 1.94 -26.84
C VAL B 178 10.30 2.92 -27.13
N ASN B 179 9.15 2.46 -27.60
CA ASN B 179 8.10 3.40 -27.98
C ASN B 179 7.16 3.85 -26.87
N GLY B 180 7.34 3.37 -25.63
CA GLY B 180 6.51 3.89 -24.57
C GLY B 180 6.15 2.91 -23.47
N VAL B 181 5.26 3.39 -22.63
CA VAL B 181 4.85 2.67 -21.41
C VAL B 181 3.38 2.28 -21.48
N ASN B 182 3.07 1.03 -21.15
CA ASN B 182 1.70 0.53 -21.11
C ASN B 182 1.42 -0.18 -19.79
N CYS B 183 0.20 -0.03 -19.25
CA CYS B 183 -0.21 -0.66 -18.00
C CYS B 183 -1.26 -1.74 -18.21
N PHE B 184 -0.98 -2.92 -17.68
CA PHE B 184 -1.83 -4.09 -17.84
C PHE B 184 -2.27 -4.61 -16.48
N MET B 185 -3.58 -4.67 -16.26
CA MET B 185 -4.11 -5.11 -14.97
C MET B 185 -4.26 -6.63 -15.00
N LEU B 186 -3.74 -7.32 -13.99
CA LEU B 186 -3.96 -8.75 -13.90
C LEU B 186 -5.39 -9.04 -13.50
N ASP B 187 -6.10 -9.79 -14.33
CA ASP B 187 -7.43 -10.36 -14.01
C ASP B 187 -7.13 -11.76 -13.46
N PRO B 188 -7.13 -11.93 -12.15
CA PRO B 188 -6.83 -13.22 -11.53
C PRO B 188 -7.88 -14.28 -11.79
N ALA B 189 -9.07 -13.94 -12.28
CA ALA B 189 -10.05 -14.99 -12.61
C ALA B 189 -9.60 -15.81 -13.83
N ILE B 190 -8.91 -15.19 -14.80
CA ILE B 190 -8.41 -15.92 -15.97
C ILE B 190 -6.89 -15.88 -16.19
N GLY B 191 -6.15 -15.21 -15.31
CA GLY B 191 -4.69 -15.14 -15.43
C GLY B 191 -4.22 -14.50 -16.73
N GLU B 192 -4.75 -13.33 -17.02
CA GLU B 192 -4.42 -12.56 -18.19
C GLU B 192 -4.19 -11.15 -17.70
N PHE B 193 -3.18 -10.48 -18.25
CA PHE B 193 -3.00 -9.06 -17.92
C PHE B 193 -3.72 -8.28 -19.03
N ILE B 194 -4.63 -7.41 -18.66
CA ILE B 194 -5.44 -6.69 -19.63
C ILE B 194 -4.92 -5.28 -19.79
N LEU B 195 -4.69 -4.83 -21.02
CA LEU B 195 -4.24 -3.46 -21.29
C LEU B 195 -5.30 -2.44 -20.86
N VAL B 196 -5.02 -1.63 -19.86
CA VAL B 196 -5.95 -0.67 -19.32
C VAL B 196 -5.46 0.77 -19.46
N ASP B 197 -4.16 1.01 -19.67
CA ASP B 197 -3.68 2.39 -19.84
C ASP B 197 -2.60 2.33 -20.90
N ARG B 198 -2.81 2.99 -22.02
CA ARG B 198 -1.94 2.89 -23.17
C ARG B 198 -1.05 4.11 -23.35
N ASN B 199 0.21 3.90 -23.75
CA ASN B 199 1.14 5.00 -24.02
C ASN B 199 1.08 6.04 -22.92
N VAL B 200 1.27 5.59 -21.68
CA VAL B 200 1.14 6.45 -20.52
C VAL B 200 2.18 7.56 -20.51
N LYS B 201 1.76 8.75 -20.11
CA LYS B 201 2.61 9.93 -19.98
C LYS B 201 2.35 10.56 -18.60
N ILE B 202 3.44 10.89 -17.92
CA ILE B 202 3.31 11.47 -16.60
C ILE B 202 2.90 12.93 -16.73
N LYS B 203 2.15 13.45 -15.79
CA LYS B 203 1.81 14.86 -15.76
C LYS B 203 3.10 15.69 -15.72
N LYS B 204 3.12 16.85 -16.38
CA LYS B 204 4.32 17.69 -16.36
C LYS B 204 4.66 18.21 -14.96
N LYS B 205 3.64 18.47 -14.15
CA LYS B 205 3.82 18.96 -12.80
C LYS B 205 2.83 18.25 -11.86
N GLY B 206 3.31 17.73 -10.73
CA GLY B 206 2.40 17.06 -9.80
C GLY B 206 2.11 17.97 -8.60
N SER B 207 1.58 17.35 -7.55
CA SER B 207 1.24 18.04 -6.33
C SER B 207 1.43 17.07 -5.14
N ILE B 208 2.28 16.07 -5.32
CA ILE B 208 2.66 15.17 -4.22
C ILE B 208 4.17 15.03 -4.19
N TYR B 209 4.75 15.05 -3.00
CA TYR B 209 6.17 14.73 -2.87
C TYR B 209 6.32 13.50 -1.97
N SER B 210 7.28 12.64 -2.28
CA SER B 210 7.49 11.36 -1.64
C SER B 210 8.95 11.12 -1.26
N ILE B 211 9.19 11.11 0.04
CA ILE B 211 10.51 10.93 0.60
C ILE B 211 10.34 10.54 2.08
N ASN B 212 11.31 9.80 2.62
CA ASN B 212 11.28 9.43 4.03
C ASN B 212 11.87 10.63 4.79
N GLU B 213 11.06 11.44 5.44
CA GLU B 213 11.59 12.62 6.11
C GLU B 213 12.28 12.32 7.45
N GLY B 214 12.33 11.06 7.88
CA GLY B 214 13.03 10.70 9.09
C GLY B 214 14.53 10.85 8.92
N TYR B 215 15.03 10.97 7.69
CA TYR B 215 16.44 11.25 7.45
C TYR B 215 16.69 12.77 7.35
N ALA B 216 15.79 13.62 7.80
CA ALA B 216 15.93 15.08 7.68
C ALA B 216 17.28 15.60 8.17
N LYS B 217 17.79 15.05 9.26
CA LYS B 217 19.08 15.46 9.79
C LYS B 217 20.24 15.14 8.83
N GLU B 218 20.06 14.20 7.92
CA GLU B 218 21.13 13.77 7.03
C GLU B 218 21.03 14.30 5.61
N PHE B 219 19.94 14.99 5.29
CA PHE B 219 19.77 15.52 3.95
C PHE B 219 20.71 16.64 3.56
N ASP B 220 21.06 16.65 2.28
CA ASP B 220 21.86 17.73 1.73
C ASP B 220 21.01 19.02 1.70
N PRO B 221 21.67 20.15 1.50
CA PRO B 221 20.98 21.42 1.53
C PRO B 221 19.94 21.62 0.45
N ALA B 222 20.12 21.00 -0.70
CA ALA B 222 19.18 21.16 -1.81
C ALA B 222 17.89 20.42 -1.52
N ILE B 223 17.98 19.17 -1.04
CA ILE B 223 16.77 18.44 -0.63
C ILE B 223 16.05 19.19 0.49
N THR B 224 16.82 19.67 1.47
CA THR B 224 16.25 20.41 2.57
C THR B 224 15.47 21.65 2.07
N GLU B 225 16.07 22.44 1.18
CA GLU B 225 15.42 23.60 0.64
C GLU B 225 14.17 23.21 -0.13
N TYR B 226 14.28 22.20 -0.98
CA TYR B 226 13.15 21.74 -1.77
C TYR B 226 11.94 21.35 -0.92
N ILE B 227 12.13 20.52 0.10
CA ILE B 227 11.05 20.06 0.96
C ILE B 227 10.35 21.22 1.64
N GLN B 228 11.14 22.19 2.09
CA GLN B 228 10.60 23.39 2.71
C GLN B 228 9.73 24.16 1.73
N ARG B 229 10.13 24.23 0.47
CA ARG B 229 9.27 24.86 -0.55
C ARG B 229 8.01 24.09 -0.80
N LYS B 230 8.04 22.75 -0.67
CA LYS B 230 6.78 22.03 -0.90
C LYS B 230 5.81 22.33 0.23
N LYS B 231 6.32 22.54 1.44
CA LYS B 231 5.47 22.81 2.59
C LYS B 231 5.08 24.30 2.64
N PHE B 232 6.00 25.19 2.29
CA PHE B 232 5.72 26.64 2.45
C PHE B 232 6.04 27.29 1.12
N PRO B 233 5.15 27.14 0.15
CA PRO B 233 5.44 27.60 -1.21
C PRO B 233 5.66 29.11 -1.23
N PRO B 234 6.80 29.56 -1.75
CA PRO B 234 7.17 30.97 -1.75
C PRO B 234 6.19 31.77 -2.59
N ASP B 235 5.56 31.14 -3.58
CA ASP B 235 4.52 31.75 -4.39
C ASP B 235 3.15 31.72 -3.75
N ASN B 236 3.07 31.22 -2.52
CA ASN B 236 1.83 31.11 -1.80
C ASN B 236 0.82 30.13 -2.41
N SER B 237 1.23 29.20 -3.28
CA SER B 237 0.30 28.21 -3.78
C SER B 237 0.03 27.20 -2.65
N ALA B 238 -0.87 26.27 -2.91
CA ALA B 238 -1.18 25.24 -1.92
C ALA B 238 0.01 24.28 -1.77
N PRO B 239 0.35 23.93 -0.55
CA PRO B 239 1.49 23.04 -0.32
C PRO B 239 1.24 21.69 -0.99
N TYR B 240 2.29 20.98 -1.36
CA TYR B 240 2.11 19.66 -1.94
C TYR B 240 1.68 18.68 -0.84
N GLY B 241 0.90 17.67 -1.18
CA GLY B 241 0.57 16.65 -0.20
C GLY B 241 1.80 15.71 -0.10
N ALA B 242 1.97 15.00 1.02
CA ALA B 242 3.09 14.05 1.15
C ALA B 242 2.54 12.62 1.22
N ARG B 243 3.24 11.71 0.58
CA ARG B 243 2.93 10.28 0.57
C ARG B 243 4.24 9.52 0.55
N TYR B 244 4.36 8.49 1.42
CA TYR B 244 5.55 7.65 1.35
C TYR B 244 5.19 6.28 1.91
N VAL B 245 4.80 5.39 1.02
CA VAL B 245 4.36 4.05 1.33
C VAL B 245 5.56 3.28 1.92
N GLY B 246 6.74 3.57 1.44
CA GLY B 246 7.94 2.87 1.85
C GLY B 246 8.24 1.63 1.00
N SER B 247 7.54 1.39 -0.09
CA SER B 247 7.86 0.32 -1.04
C SER B 247 8.11 1.08 -2.34
N MET B 248 9.30 1.02 -2.90
CA MET B 248 9.59 1.78 -4.10
C MET B 248 8.55 1.57 -5.23
N VAL B 249 8.14 0.34 -5.47
CA VAL B 249 7.18 0.07 -6.56
C VAL B 249 5.90 0.83 -6.36
N ALA B 250 5.41 0.86 -5.12
CA ALA B 250 4.17 1.56 -4.82
C ALA B 250 4.29 3.09 -4.96
N ASP B 251 5.37 3.66 -4.45
CA ASP B 251 5.56 5.11 -4.53
C ASP B 251 5.79 5.56 -5.96
N VAL B 252 6.59 4.78 -6.70
CA VAL B 252 6.88 5.07 -8.09
C VAL B 252 5.61 4.91 -8.94
N HIS B 253 4.82 3.86 -8.73
CA HIS B 253 3.57 3.74 -9.50
C HIS B 253 2.61 4.93 -9.25
N ARG B 254 2.46 5.36 -8.01
CA ARG B 254 1.62 6.51 -7.72
C ARG B 254 2.21 7.76 -8.43
N THR B 255 3.54 7.90 -8.40
CA THR B 255 4.20 8.99 -9.08
C THR B 255 3.85 9.02 -10.58
N LEU B 256 3.95 7.87 -11.23
CA LEU B 256 3.60 7.73 -12.64
C LEU B 256 2.14 8.08 -12.94
N VAL B 257 1.20 7.50 -12.20
CA VAL B 257 -0.22 7.71 -12.46
C VAL B 257 -0.75 9.04 -12.01
N TYR B 258 -0.29 9.58 -10.88
CA TYR B 258 -0.86 10.84 -10.43
C TYR B 258 0.09 12.03 -10.62
N GLY B 259 1.35 11.76 -10.88
CA GLY B 259 2.36 12.81 -11.03
C GLY B 259 2.99 13.18 -9.66
N GLY B 260 3.98 14.06 -9.68
CA GLY B 260 4.64 14.51 -8.47
C GLY B 260 6.09 14.04 -8.47
N ILE B 261 6.68 13.88 -7.30
CA ILE B 261 8.08 13.52 -7.23
C ILE B 261 8.42 12.51 -6.11
N PHE B 262 9.35 11.61 -6.41
CA PHE B 262 9.77 10.55 -5.50
C PHE B 262 11.27 10.75 -5.28
N MET B 263 11.70 10.72 -4.02
CA MET B 263 13.11 10.95 -3.77
C MET B 263 13.69 9.91 -2.79
N TYR B 264 14.88 9.41 -3.09
CA TYR B 264 15.66 8.55 -2.20
C TYR B 264 17.12 9.02 -2.40
N PRO B 265 17.43 10.13 -1.79
CA PRO B 265 18.72 10.77 -2.00
C PRO B 265 19.78 10.17 -1.08
N ALA B 266 21.00 10.63 -1.22
CA ALA B 266 22.05 10.17 -0.31
C ALA B 266 21.81 10.68 1.11
N ASN B 267 22.21 9.85 2.08
CA ASN B 267 22.11 10.02 3.54
C ASN B 267 23.44 9.65 4.20
N LYS B 268 23.41 9.41 5.51
CA LYS B 268 24.53 8.98 6.34
C LYS B 268 24.89 7.51 6.12
N LYS B 269 23.89 6.61 6.17
CA LYS B 269 24.13 5.19 5.90
C LYS B 269 24.65 5.05 4.49
N SER B 270 24.26 5.95 3.59
CA SER B 270 24.87 5.93 2.27
C SER B 270 24.85 7.21 1.48
N PRO B 271 26.06 7.74 1.29
CA PRO B 271 26.34 8.89 0.44
C PRO B 271 26.20 8.55 -1.02
N LYS B 272 25.97 7.26 -1.28
CA LYS B 272 25.64 6.77 -2.60
C LYS B 272 24.14 6.44 -2.70
N GLY B 273 23.35 6.81 -1.71
CA GLY B 273 21.92 6.48 -1.69
C GLY B 273 21.70 5.06 -1.22
N LYS B 274 20.44 4.64 -1.08
CA LYS B 274 20.16 3.26 -0.64
C LYS B 274 19.75 2.35 -1.79
N LEU B 275 18.98 2.90 -2.73
CA LEU B 275 18.37 2.07 -3.76
C LEU B 275 19.42 1.57 -4.74
N ARG B 276 19.24 0.33 -5.18
CA ARG B 276 20.21 -0.32 -6.06
C ARG B 276 20.05 0.11 -7.52
N LEU B 277 21.18 0.44 -8.13
CA LEU B 277 21.19 0.91 -9.49
C LEU B 277 20.66 -0.07 -10.55
N LEU B 278 21.13 -1.31 -10.55
CA LEU B 278 20.75 -2.19 -11.64
C LEU B 278 19.29 -2.64 -11.70
N TYR B 279 18.69 -2.90 -10.54
CA TYR B 279 17.37 -3.51 -10.48
C TYR B 279 16.33 -2.75 -9.67
N GLU B 280 16.65 -1.54 -9.28
CA GLU B 280 15.70 -0.63 -8.67
C GLU B 280 15.70 0.70 -9.45
N CYS B 281 16.82 1.43 -9.40
CA CYS B 281 16.92 2.71 -10.06
C CYS B 281 16.85 2.66 -11.58
N ASN B 282 17.58 1.79 -12.26
CA ASN B 282 17.58 1.82 -13.73
C ASN B 282 16.20 1.51 -14.33
N PRO B 283 15.57 0.41 -13.90
CA PRO B 283 14.24 0.07 -14.44
C PRO B 283 13.24 1.20 -14.21
N MET B 284 13.23 1.82 -13.03
CA MET B 284 12.30 2.90 -12.73
C MET B 284 12.62 4.17 -13.49
N ALA B 285 13.90 4.42 -13.72
CA ALA B 285 14.32 5.58 -14.50
C ALA B 285 13.89 5.42 -15.96
N TYR B 286 14.00 4.21 -16.46
CA TYR B 286 13.62 3.93 -17.84
C TYR B 286 12.11 4.10 -18.04
N VAL B 287 11.30 3.53 -17.17
CA VAL B 287 9.86 3.73 -17.21
C VAL B 287 9.56 5.25 -17.18
N MET B 288 10.18 5.96 -16.22
CA MET B 288 9.91 7.40 -16.11
C MET B 288 10.27 8.17 -17.37
N GLU B 289 11.47 7.93 -17.91
CA GLU B 289 11.82 8.69 -19.11
C GLU B 289 10.91 8.28 -20.28
N LYS B 290 10.50 7.03 -20.37
CA LYS B 290 9.60 6.66 -21.49
C LYS B 290 8.22 7.28 -21.36
N ALA B 291 7.83 7.64 -20.13
CA ALA B 291 6.58 8.25 -19.83
C ALA B 291 6.72 9.76 -19.85
N GLY B 292 7.87 10.30 -20.24
CA GLY B 292 7.96 11.76 -20.30
C GLY B 292 8.40 12.38 -18.99
N GLY B 293 8.90 11.56 -18.05
CA GLY B 293 9.38 12.13 -16.81
C GLY B 293 10.90 12.16 -16.80
N LEU B 294 11.47 12.45 -15.63
CA LEU B 294 12.89 12.55 -15.43
C LEU B 294 13.35 11.67 -14.29
N ALA B 295 14.63 11.28 -14.32
CA ALA B 295 15.21 10.46 -13.26
C ALA B 295 16.69 10.80 -13.14
N THR B 296 17.02 11.49 -12.06
CA THR B 296 18.38 11.97 -11.85
C THR B 296 18.89 11.58 -10.46
N THR B 297 20.21 11.62 -10.29
CA THR B 297 20.77 11.43 -8.94
C THR B 297 20.83 12.77 -8.23
N GLY B 298 20.54 13.83 -8.96
CA GLY B 298 20.64 15.19 -8.46
C GLY B 298 21.79 15.86 -9.24
N LYS B 299 22.70 15.06 -9.78
CA LYS B 299 23.81 15.58 -10.56
C LYS B 299 23.91 15.05 -11.97
N GLU B 300 23.39 13.84 -12.24
CA GLU B 300 23.47 13.25 -13.57
C GLU B 300 22.29 12.32 -13.77
N ALA B 301 21.98 11.99 -15.01
CA ALA B 301 20.88 11.09 -15.34
C ALA B 301 21.21 9.69 -14.86
N VAL B 302 20.26 9.06 -14.17
CA VAL B 302 20.47 7.69 -13.71
C VAL B 302 20.82 6.73 -14.83
N LEU B 303 20.15 6.86 -15.97
CA LEU B 303 20.35 5.95 -17.07
C LEU B 303 21.71 6.05 -17.70
N ASP B 304 22.45 7.13 -17.46
CA ASP B 304 23.76 7.22 -18.11
C ASP B 304 24.90 6.79 -17.18
N ILE B 305 24.60 6.41 -15.95
CA ILE B 305 25.62 5.92 -15.05
C ILE B 305 26.15 4.60 -15.59
N VAL B 306 27.46 4.45 -15.62
CA VAL B 306 28.06 3.17 -16.05
C VAL B 306 28.44 2.48 -14.77
N PRO B 307 27.71 1.41 -14.43
CA PRO B 307 27.91 0.72 -13.19
C PRO B 307 29.21 -0.04 -13.17
N THR B 308 29.74 -0.24 -11.97
CA THR B 308 30.98 -1.01 -11.82
C THR B 308 30.73 -2.16 -10.87
N ASP B 309 29.59 -2.19 -10.19
CA ASP B 309 29.31 -3.30 -9.26
C ASP B 309 27.84 -3.70 -9.50
N ILE B 310 27.50 -4.97 -9.59
CA ILE B 310 26.09 -5.34 -9.86
C ILE B 310 25.14 -4.91 -8.75
N HIS B 311 25.68 -4.74 -7.55
CA HIS B 311 24.92 -4.34 -6.38
C HIS B 311 25.19 -2.90 -5.98
N GLN B 312 25.76 -2.11 -6.87
CA GLN B 312 25.97 -0.69 -6.66
C GLN B 312 24.64 0.04 -6.32
N ARG B 313 24.72 1.07 -5.48
CA ARG B 313 23.58 1.90 -5.12
C ARG B 313 23.70 3.24 -5.83
N ALA B 314 22.61 4.01 -5.91
CA ALA B 314 22.62 5.32 -6.49
C ALA B 314 21.48 6.14 -5.87
N PRO B 315 21.74 7.42 -5.64
CA PRO B 315 20.68 8.31 -5.17
C PRO B 315 19.70 8.42 -6.33
N ILE B 316 18.42 8.66 -6.05
CA ILE B 316 17.49 8.78 -7.21
C ILE B 316 16.38 9.76 -6.89
N ILE B 317 16.09 10.62 -7.86
CA ILE B 317 15.00 11.61 -7.77
C ILE B 317 14.23 11.40 -9.07
N LEU B 318 12.92 11.11 -9.06
CA LEU B 318 12.24 10.83 -10.35
C LEU B 318 10.82 11.36 -10.33
N GLY B 319 10.21 11.45 -11.50
CA GLY B 319 8.81 11.92 -11.51
C GLY B 319 8.56 13.03 -12.53
N SER B 320 7.52 13.84 -12.28
CA SER B 320 7.08 14.88 -13.21
C SER B 320 8.25 15.83 -13.55
N PRO B 321 8.46 16.13 -14.83
CA PRO B 321 9.61 16.93 -15.26
C PRO B 321 9.74 18.30 -14.65
N GLU B 322 8.66 19.05 -14.47
CA GLU B 322 8.78 20.35 -13.83
C GLU B 322 9.20 20.25 -12.37
N ASP B 323 8.72 19.21 -11.68
CA ASP B 323 9.12 19.02 -10.29
C ASP B 323 10.59 18.64 -10.16
N VAL B 324 11.03 17.64 -10.91
CA VAL B 324 12.40 17.16 -10.85
C VAL B 324 13.32 18.31 -11.32
N THR B 325 12.95 19.04 -12.36
CA THR B 325 13.76 20.16 -12.82
C THR B 325 13.88 21.24 -11.75
N GLU B 326 12.80 21.53 -11.02
CA GLU B 326 12.89 22.51 -9.94
C GLU B 326 13.97 22.08 -8.91
N LEU B 327 13.96 20.79 -8.57
CA LEU B 327 14.95 20.27 -7.61
C LEU B 327 16.36 20.29 -8.25
N LEU B 328 16.47 19.98 -9.54
CA LEU B 328 17.81 20.05 -10.17
C LEU B 328 18.35 21.49 -10.17
N GLU B 329 17.46 22.45 -10.38
CA GLU B 329 17.86 23.85 -10.36
C GLU B 329 18.34 24.26 -8.96
N ILE B 330 17.74 23.74 -7.90
CA ILE B 330 18.26 24.00 -6.55
C ILE B 330 19.67 23.42 -6.40
N TYR B 331 19.88 22.16 -6.79
CA TYR B 331 21.20 21.59 -6.76
C TYR B 331 22.21 22.47 -7.50
N GLN B 332 21.85 22.91 -8.70
CA GLN B 332 22.72 23.74 -9.49
C GLN B 332 22.97 25.08 -8.80
N LYS B 333 21.96 25.64 -8.15
CA LYS B 333 22.09 26.89 -7.43
C LYS B 333 23.13 26.73 -6.33
N HIS B 334 23.05 25.62 -5.59
CA HIS B 334 23.98 25.35 -4.51
C HIS B 334 25.37 25.03 -4.99
N ALA B 335 25.54 24.55 -6.22
CA ALA B 335 26.87 24.17 -6.72
C ALA B 335 27.72 25.34 -7.21
#